data_6UMZ
#
_entry.id   6UMZ
#
_cell.length_a   65.767
_cell.length_b   65.767
_cell.length_c   40.577
_cell.angle_alpha   90.000
_cell.angle_beta   90.000
_cell.angle_gamma   120.000
#
_symmetry.space_group_name_H-M   'P 63'
#
loop_
_entity.id
_entity.type
_entity.pdbx_description
1 polymer 'Photoactive yellow protein'
2 non-polymer '(2E)-3-(3-bromo-4-hydroxyphenyl)prop-2-enoic acid'
3 water water
#
_entity_poly.entity_id   1
_entity_poly.type   'polypeptide(L)'
_entity_poly.pdbx_seq_one_letter_code
;GSHMEHVAFGSEDIENTLAKMDDGQLDGLAFGAIQLDGDGNILQYNAAEGDITGRDPKQVIGKNFFKDVAPCTDSPEFYG
KFKEGVASGNLNTMFEYTFDYQMTPTKVKVHMKKALSGDSYWVFVKRV
;
_entity_poly.pdbx_strand_id   A
#
loop_
_chem_comp.id
_chem_comp.type
_chem_comp.name
_chem_comp.formula
QBV non-polymer '(2E)-3-(3-bromo-4-hydroxyphenyl)prop-2-enoic acid' 'C9 H7 Br O3'
#
# COMPACT_ATOMS: atom_id res chain seq x y z
N SER A 2 -18.72 -7.78 14.89
CA SER A 2 -17.38 -7.46 14.43
C SER A 2 -17.39 -6.38 13.39
N HIS A 3 -16.46 -5.45 13.51
CA HIS A 3 -16.35 -4.39 12.52
C HIS A 3 -14.95 -4.30 11.94
N MET A 4 -14.13 -5.34 12.12
CA MET A 4 -12.81 -5.40 11.54
C MET A 4 -12.61 -6.73 10.86
N GLU A 5 -11.71 -6.72 9.90
CA GLU A 5 -11.28 -7.93 9.22
C GLU A 5 -10.11 -8.48 10.00
N HIS A 6 -10.20 -9.74 10.39
CA HIS A 6 -9.20 -10.35 11.26
C HIS A 6 -8.04 -10.91 10.44
N VAL A 7 -7.23 -9.98 9.93
CA VAL A 7 -6.06 -10.27 9.12
C VAL A 7 -4.89 -9.53 9.74
N ALA A 8 -3.79 -10.22 9.98
CA ALA A 8 -2.61 -9.58 10.51
C ALA A 8 -1.68 -9.09 9.41
N PHE A 9 -1.07 -7.94 9.65
CA PHE A 9 0.03 -7.47 8.83
C PHE A 9 1.08 -8.57 8.72
N GLY A 10 1.57 -8.78 7.49
CA GLY A 10 2.63 -9.73 7.27
C GLY A 10 2.20 -11.17 7.15
N SER A 11 0.90 -11.44 7.17
CA SER A 11 0.45 -12.82 7.08
C SER A 11 0.83 -13.43 5.75
N GLU A 12 1.14 -14.73 5.79
CA GLU A 12 1.76 -15.38 4.63
C GLU A 12 0.83 -15.43 3.44
N ASP A 13 -0.48 -15.51 3.68
CA ASP A 13 -1.46 -15.62 2.61
C ASP A 13 -2.30 -14.37 2.45
N ILE A 14 -1.73 -13.21 2.83
CA ILE A 14 -2.46 -11.97 2.85
C ILE A 14 -3.09 -11.65 1.50
N GLU A 15 -2.39 -11.95 0.40
CA GLU A 15 -2.91 -11.64 -0.93
C GLU A 15 -4.15 -12.47 -1.25
N ASN A 16 -4.26 -13.68 -0.68
CA ASN A 16 -5.47 -14.48 -0.89
C ASN A 16 -6.61 -13.92 -0.05
N THR A 17 -6.36 -13.57 1.21
CA THR A 17 -7.43 -13.08 2.07
CA THR A 17 -7.47 -13.11 2.03
C THR A 17 -7.98 -11.74 1.58
N LEU A 18 -7.10 -10.87 1.07
CA LEU A 18 -7.54 -9.56 0.65
C LEU A 18 -8.14 -9.55 -0.75
N ALA A 19 -8.01 -10.64 -1.51
CA ALA A 19 -8.61 -10.66 -2.85
C ALA A 19 -10.14 -10.51 -2.81
N LYS A 20 -10.79 -10.85 -1.71
CA LYS A 20 -12.24 -10.79 -1.63
C LYS A 20 -12.78 -9.42 -1.25
N MET A 21 -11.91 -8.47 -0.90
CA MET A 21 -12.33 -7.28 -0.16
C MET A 21 -12.63 -6.11 -1.10
N ASP A 22 -13.85 -5.60 -1.00
CA ASP A 22 -14.19 -4.30 -1.56
C ASP A 22 -13.63 -3.17 -0.67
N ASP A 23 -13.87 -1.93 -1.08
CA ASP A 23 -13.32 -0.79 -0.37
C ASP A 23 -13.77 -0.78 1.09
N GLY A 24 -15.05 -1.09 1.33
CA GLY A 24 -15.54 -1.11 2.70
C GLY A 24 -14.82 -2.12 3.56
N GLN A 25 -14.60 -3.32 3.03
CA GLN A 25 -13.90 -4.35 3.80
C GLN A 25 -12.45 -3.97 4.03
N LEU A 26 -11.79 -3.39 3.02
CA LEU A 26 -10.42 -2.94 3.21
CA LEU A 26 -10.42 -2.94 3.21
C LEU A 26 -10.32 -1.93 4.35
N ASP A 27 -11.36 -1.12 4.52
CA ASP A 27 -11.39 -0.18 5.63
C ASP A 27 -11.49 -0.86 7.00
N GLY A 28 -11.78 -2.16 7.05
CA GLY A 28 -11.77 -2.87 8.29
C GLY A 28 -10.44 -3.44 8.71
N LEU A 29 -9.37 -3.19 7.96
CA LEU A 29 -8.08 -3.72 8.33
C LEU A 29 -7.41 -2.87 9.42
N ALA A 30 -6.58 -3.52 10.23
CA ALA A 30 -5.85 -2.85 11.29
C ALA A 30 -4.66 -2.04 10.79
N PHE A 31 -4.24 -2.28 9.56
CA PHE A 31 -3.07 -1.66 8.97
C PHE A 31 -3.48 -0.93 7.68
N GLY A 32 -2.62 0.00 7.27
CA GLY A 32 -2.80 0.66 6.01
C GLY A 32 -2.65 -0.29 4.85
N ALA A 33 -3.49 -0.10 3.83
CA ALA A 33 -3.46 -0.91 2.63
C ALA A 33 -3.74 -0.02 1.44
N ILE A 34 -2.81 -0.08 0.50
CA ILE A 34 -2.87 0.61 -0.78
CA ILE A 34 -2.91 0.60 -0.78
C ILE A 34 -2.75 -0.45 -1.86
N GLN A 35 -3.53 -0.32 -2.93
CA GLN A 35 -3.29 -1.13 -4.11
C GLN A 35 -2.86 -0.21 -5.23
N LEU A 36 -1.73 -0.55 -5.88
CA LEU A 36 -1.18 0.22 -6.99
C LEU A 36 -1.22 -0.62 -8.25
N ASP A 37 -1.32 0.04 -9.41
CA ASP A 37 -1.00 -0.65 -10.66
C ASP A 37 0.51 -0.70 -10.84
N GLY A 38 0.96 -1.30 -11.95
CA GLY A 38 2.39 -1.49 -12.17
C GLY A 38 3.16 -0.22 -12.35
N ASP A 39 2.51 0.88 -12.71
CA ASP A 39 3.14 2.19 -12.82
C ASP A 39 3.11 2.96 -11.51
N GLY A 40 2.43 2.44 -10.50
CA GLY A 40 2.30 3.15 -9.25
C GLY A 40 1.05 3.99 -9.10
N ASN A 41 0.09 3.88 -10.01
CA ASN A 41 -1.16 4.61 -9.83
C ASN A 41 -2.01 3.95 -8.76
N ILE A 42 -2.65 4.77 -7.93
CA ILE A 42 -3.40 4.26 -6.78
C ILE A 42 -4.77 3.79 -7.23
N LEU A 43 -5.05 2.52 -7.00
CA LEU A 43 -6.33 1.87 -7.32
C LEU A 43 -7.25 1.76 -6.10
N GLN A 44 -6.68 1.50 -4.92
CA GLN A 44 -7.41 1.35 -3.67
C GLN A 44 -6.57 1.95 -2.56
N TYR A 45 -7.22 2.42 -1.51
CA TYR A 45 -6.51 3.10 -0.41
C TYR A 45 -7.47 3.10 0.76
N ASN A 46 -7.05 2.53 1.90
CA ASN A 46 -7.99 2.34 3.00
C ASN A 46 -7.91 3.40 4.09
N ALA A 47 -8.87 3.29 5.01
CA ALA A 47 -9.02 4.27 6.08
C ALA A 47 -7.81 4.26 6.99
N ALA A 48 -7.27 3.09 7.32
CA ALA A 48 -6.12 3.06 8.21
C ALA A 48 -4.94 3.80 7.62
N GLU A 49 -4.73 3.67 6.32
CA GLU A 49 -3.64 4.39 5.68
C GLU A 49 -3.87 5.90 5.76
N GLY A 50 -5.11 6.33 5.52
CA GLY A 50 -5.41 7.76 5.63
C GLY A 50 -5.19 8.28 7.03
N ASP A 51 -5.44 7.45 8.05
CA ASP A 51 -5.18 7.88 9.42
C ASP A 51 -3.68 8.00 9.70
N ILE A 52 -2.87 7.10 9.12
CA ILE A 52 -1.43 7.17 9.29
C ILE A 52 -0.86 8.40 8.59
N THR A 53 -1.34 8.72 7.37
CA THR A 53 -0.67 9.69 6.51
C THR A 53 -1.34 11.04 6.44
N GLY A 54 -2.59 11.10 6.85
CA GLY A 54 -3.38 12.30 6.70
C GLY A 54 -4.09 12.45 5.37
N ARG A 55 -3.76 11.67 4.35
CA ARG A 55 -4.42 11.85 3.07
C ARG A 55 -5.85 11.32 3.14
N ASP A 56 -6.68 11.85 2.25
CA ASP A 56 -8.07 11.48 2.19
C ASP A 56 -8.18 10.28 1.27
N PRO A 57 -8.57 9.11 1.78
CA PRO A 57 -8.61 7.90 0.94
C PRO A 57 -9.42 8.05 -0.31
N LYS A 58 -10.44 8.92 -0.31
N LYS A 58 -10.45 8.90 -0.29
CA LYS A 58 -11.27 9.08 -1.50
CA LYS A 58 -11.26 9.07 -1.48
C LYS A 58 -10.58 9.92 -2.56
C LYS A 58 -10.52 9.85 -2.56
N GLN A 59 -9.72 10.85 -2.16
CA GLN A 59 -9.09 11.78 -3.08
CA GLN A 59 -9.15 11.73 -3.16
C GLN A 59 -7.84 11.24 -3.74
N VAL A 60 -7.14 10.32 -3.08
CA VAL A 60 -5.85 9.87 -3.60
C VAL A 60 -6.03 8.87 -4.73
N ILE A 61 -7.19 8.23 -4.85
CA ILE A 61 -7.34 7.24 -5.91
CA ILE A 61 -7.39 7.24 -5.92
C ILE A 61 -7.14 7.92 -7.25
N GLY A 62 -6.36 7.28 -8.11
CA GLY A 62 -6.06 7.80 -9.42
C GLY A 62 -4.79 8.62 -9.49
N LYS A 63 -4.24 9.05 -8.36
CA LYS A 63 -2.97 9.75 -8.36
C LYS A 63 -1.84 8.73 -8.45
N ASN A 64 -0.68 9.19 -8.94
CA ASN A 64 0.49 8.32 -8.99
C ASN A 64 1.27 8.42 -7.68
N PHE A 65 1.52 7.27 -7.07
CA PHE A 65 2.16 7.26 -5.76
C PHE A 65 3.56 7.89 -5.84
N PHE A 66 4.36 7.51 -6.85
CA PHE A 66 5.75 7.93 -6.88
C PHE A 66 5.95 9.33 -7.43
N LYS A 67 5.12 9.71 -8.39
CA LYS A 67 5.27 10.99 -9.08
C LYS A 67 4.49 12.09 -8.38
N ASP A 68 3.36 11.77 -7.76
CA ASP A 68 2.43 12.78 -7.27
C ASP A 68 2.44 12.85 -5.74
N VAL A 69 1.96 11.82 -5.06
CA VAL A 69 1.60 11.94 -3.65
CA VAL A 69 1.63 11.97 -3.65
C VAL A 69 2.75 11.60 -2.69
N ALA A 70 3.70 10.77 -3.12
CA ALA A 70 4.72 10.21 -2.21
C ALA A 70 6.11 10.35 -2.81
N PRO A 71 6.56 11.57 -3.11
CA PRO A 71 7.90 11.74 -3.68
C PRO A 71 9.00 11.22 -2.78
N CYS A 72 8.76 11.15 -1.47
CA CYS A 72 9.79 10.64 -0.57
C CYS A 72 10.04 9.16 -0.80
N THR A 73 9.14 8.47 -1.49
CA THR A 73 9.30 7.05 -1.84
C THR A 73 9.89 6.86 -3.23
N ASP A 74 10.12 7.96 -3.96
CA ASP A 74 10.74 7.91 -5.29
C ASP A 74 12.25 7.83 -5.06
N SER A 75 12.70 6.60 -4.82
CA SER A 75 14.07 6.32 -4.40
C SER A 75 14.33 4.85 -4.69
N PRO A 76 15.59 4.44 -4.74
CA PRO A 76 15.86 3.00 -4.96
C PRO A 76 15.28 2.13 -3.86
N GLU A 77 15.23 2.66 -2.64
CA GLU A 77 14.86 1.87 -1.47
C GLU A 77 13.36 1.59 -1.38
N PHE A 78 12.54 2.27 -2.15
CA PHE A 78 11.10 2.06 -2.09
C PHE A 78 10.62 1.81 -3.52
N TYR A 79 10.52 2.86 -4.33
CA TYR A 79 10.13 2.70 -5.75
C TYR A 79 11.01 1.69 -6.47
N GLY A 80 12.34 1.72 -6.23
CA GLY A 80 13.19 0.74 -6.91
C GLY A 80 12.79 -0.69 -6.61
N LYS A 81 12.53 -0.99 -5.33
CA LYS A 81 12.09 -2.32 -4.94
C LYS A 81 10.75 -2.67 -5.56
N PHE A 82 9.84 -1.71 -5.59
CA PHE A 82 8.52 -1.93 -6.16
C PHE A 82 8.65 -2.34 -7.63
N LYS A 83 9.36 -1.54 -8.41
CA LYS A 83 9.39 -1.80 -9.84
CA LYS A 83 9.38 -1.80 -9.84
C LYS A 83 10.15 -3.07 -10.16
N GLU A 84 11.13 -3.45 -9.34
CA GLU A 84 11.80 -4.73 -9.55
C GLU A 84 10.82 -5.89 -9.37
N GLY A 85 9.97 -5.80 -8.35
CA GLY A 85 9.00 -6.85 -8.10
C GLY A 85 7.87 -6.89 -9.10
N VAL A 86 7.47 -5.73 -9.62
CA VAL A 86 6.52 -5.68 -10.73
C VAL A 86 7.10 -6.41 -11.92
N ALA A 87 8.37 -6.14 -12.24
CA ALA A 87 8.98 -6.74 -13.42
C ALA A 87 9.06 -8.26 -13.27
N SER A 88 9.44 -8.75 -12.11
CA SER A 88 9.65 -10.17 -11.91
CA SER A 88 9.65 -10.18 -11.95
C SER A 88 8.35 -10.95 -11.76
N GLY A 89 7.27 -10.27 -11.39
CA GLY A 89 6.00 -10.91 -11.12
C GLY A 89 5.91 -11.62 -9.79
N ASN A 90 6.80 -11.34 -8.83
CA ASN A 90 6.78 -12.03 -7.55
CA ASN A 90 6.79 -12.03 -7.55
C ASN A 90 7.08 -11.08 -6.38
N LEU A 91 6.74 -9.82 -6.51
CA LEU A 91 6.97 -8.84 -5.46
C LEU A 91 6.57 -9.36 -4.09
N ASN A 92 7.51 -9.29 -3.14
CA ASN A 92 7.25 -9.69 -1.76
C ASN A 92 8.41 -9.18 -0.91
N THR A 93 8.30 -7.95 -0.43
CA THR A 93 9.42 -7.33 0.25
C THR A 93 8.89 -6.49 1.40
N MET A 94 9.59 -6.53 2.51
CA MET A 94 9.17 -5.83 3.72
C MET A 94 10.37 -5.07 4.25
N PHE A 95 10.14 -3.82 4.65
CA PHE A 95 11.23 -2.95 5.09
C PHE A 95 10.64 -1.77 5.84
N GLU A 96 11.41 -1.20 6.75
CA GLU A 96 11.00 0.05 7.39
C GLU A 96 11.39 1.25 6.54
N TYR A 97 10.67 2.35 6.76
CA TYR A 97 10.83 3.53 5.92
C TYR A 97 10.26 4.72 6.70
N THR A 98 10.63 5.93 6.30
CA THR A 98 10.06 7.13 6.90
C THR A 98 9.30 7.93 5.87
N PHE A 99 8.03 8.22 6.17
CA PHE A 99 7.21 9.07 5.34
C PHE A 99 7.30 10.50 5.86
N ASP A 100 7.72 11.44 5.01
CA ASP A 100 8.04 12.79 5.48
C ASP A 100 7.63 13.89 4.53
N TYR A 101 6.82 13.63 3.51
CA TYR A 101 6.44 14.69 2.57
C TYR A 101 5.20 15.44 3.08
N GLN A 102 5.41 16.70 3.42
CA GLN A 102 4.34 17.59 3.85
C GLN A 102 3.57 16.98 5.03
N MET A 103 4.31 16.39 5.96
CA MET A 103 3.77 15.71 7.11
C MET A 103 4.87 15.58 8.16
N THR A 104 4.48 15.38 9.40
CA THR A 104 5.45 15.03 10.44
C THR A 104 6.12 13.71 10.05
N PRO A 105 7.44 13.62 10.08
CA PRO A 105 8.07 12.36 9.69
C PRO A 105 7.56 11.22 10.55
N THR A 106 7.16 10.15 9.87
CA THR A 106 6.51 9.01 10.51
C THR A 106 7.18 7.73 10.04
N LYS A 107 7.77 6.99 10.98
CA LYS A 107 8.44 5.76 10.63
C LYS A 107 7.41 4.63 10.60
N VAL A 108 7.51 3.82 9.54
CA VAL A 108 6.56 2.75 9.28
C VAL A 108 7.31 1.49 8.87
N LYS A 109 6.59 0.38 8.96
CA LYS A 109 6.97 -0.88 8.32
C LYS A 109 6.10 -1.04 7.09
N VAL A 110 6.73 -1.29 5.95
CA VAL A 110 6.09 -1.41 4.65
C VAL A 110 6.22 -2.84 4.18
N HIS A 111 5.15 -3.42 3.67
CA HIS A 111 5.17 -4.73 3.06
C HIS A 111 4.52 -4.60 1.69
N MET A 112 5.32 -4.79 0.65
CA MET A 112 4.81 -4.77 -0.73
C MET A 112 4.67 -6.20 -1.21
N LYS A 113 3.52 -6.53 -1.78
CA LYS A 113 3.32 -7.89 -2.24
C LYS A 113 2.39 -7.89 -3.43
N LYS A 114 2.74 -8.69 -4.45
CA LYS A 114 1.90 -8.79 -5.62
C LYS A 114 0.49 -9.24 -5.23
N ALA A 115 -0.51 -8.59 -5.82
CA ALA A 115 -1.90 -8.97 -5.66
C ALA A 115 -2.29 -10.03 -6.66
N LEU A 116 -3.36 -10.76 -6.36
CA LEU A 116 -3.77 -11.81 -7.29
C LEU A 116 -4.40 -11.26 -8.56
N SER A 117 -5.00 -10.08 -8.52
CA SER A 117 -5.60 -9.51 -9.71
C SER A 117 -4.54 -8.87 -10.62
N GLY A 118 -4.88 -8.78 -11.90
CA GLY A 118 -3.90 -8.35 -12.88
C GLY A 118 -3.47 -6.90 -12.69
N ASP A 119 -2.19 -6.65 -12.92
CA ASP A 119 -1.65 -5.29 -12.87
C ASP A 119 -1.99 -4.60 -11.56
N SER A 120 -1.83 -5.35 -10.46
CA SER A 120 -2.21 -4.88 -9.14
C SER A 120 -1.17 -5.35 -8.11
N TYR A 121 -0.80 -4.45 -7.20
CA TYR A 121 0.28 -4.67 -6.26
C TYR A 121 -0.10 -4.01 -4.94
N TRP A 122 0.01 -4.75 -3.85
CA TRP A 122 -0.30 -4.21 -2.54
C TRP A 122 0.90 -3.51 -1.91
N VAL A 123 0.61 -2.42 -1.22
CA VAL A 123 1.55 -1.76 -0.31
C VAL A 123 0.84 -1.67 1.03
N PHE A 124 1.32 -2.43 2.01
CA PHE A 124 0.77 -2.45 3.35
C PHE A 124 1.68 -1.67 4.28
N VAL A 125 1.10 -0.97 5.25
CA VAL A 125 1.84 -0.02 6.08
C VAL A 125 1.34 -0.13 7.53
N LYS A 126 2.26 -0.19 8.48
CA LYS A 126 1.90 0.00 9.87
C LYS A 126 2.97 0.86 10.55
N ARG A 127 2.62 1.45 11.68
CA ARG A 127 3.57 2.26 12.42
CA ARG A 127 3.56 2.26 12.43
C ARG A 127 4.58 1.39 13.16
N VAL A 128 5.80 1.94 13.30
CA VAL A 128 6.83 1.35 14.15
C VAL A 128 7.42 2.37 15.06
C1 QBV B . 6.71 10.40 1.10
O1 QBV B . 6.60 11.28 0.22
C2 QBV B . 5.60 9.60 1.56
C3 QBV B . 4.32 9.97 1.22
C1' QBV B . 3.13 9.14 1.46
C2' QBV B . 1.95 9.53 0.84
C3' QBV B . 0.84 8.71 0.95
C4' QBV B . 0.85 7.50 1.64
C5' QBV B . 2.05 7.12 2.19
C6' QBV B . 3.18 7.93 2.11
O4' QBV B . -0.19 6.78 1.78
BR QBV B . -0.72 9.19 -0.08
H2 QBV B . 5.76 8.75 2.19
H3 QBV B . 4.18 10.84 0.61
H2' QBV B . 1.95 10.39 0.18
H1 QBV B . 2.08 6.26 2.83
H6' QBV B . 4.08 7.65 2.63
#